data_8OSX
#
_entry.id   8OSX
#
_cell.length_a   168.020
_cell.length_b   168.020
_cell.length_c   51.700
_cell.angle_alpha   90.000
_cell.angle_beta   90.000
_cell.angle_gamma   120.000
#
_symmetry.space_group_name_H-M   'P 31 2 1'
#
loop_
_entity.id
_entity.type
_entity.pdbx_description
1 polymer "2'-O-methyltransferase nsp16"
2 polymer 'Non-structural protein 10'
3 non-polymer "ADENOSINE-5'-TRIPHOSPHATE"
4 non-polymer 1,2-ETHANEDIOL
5 non-polymer '2-(N-MORPHOLINO)-ETHANESULFONIC ACID'
6 non-polymer S-ADENOSYLMETHIONINE
7 non-polymer 'CHLORIDE ION'
8 non-polymer 'ZINC ION'
9 water water
#
loop_
_entity_poly.entity_id
_entity_poly.type
_entity_poly.pdbx_seq_one_letter_code
_entity_poly.pdbx_strand_id
1 'polypeptide(L)'
;SSQAWQPGVAMPNLYKMQRMLLEKCDLQNYGDSATLPKGIMMNVAKYTQLCQYLNTLTLAVPYNMRVIHFGAGSDKGVAP
GTAVLRQWLPTGTLLVDSDLNDFVSDADSTLIGDCATVHTANKWDLIISDMYDPKTKNVTKENDSKEGFFTYICGFIQQK
LALGGSVAIKITEHSWNADLYKLMGHFAWWTAFVTNVNASSSEAFLIGCNYLGKPREQIDGYVMHANYIFWRNTNPIQLS
SYSLFDMSKFPLKLRGTAVMSLKEGQINDMILSLLSKGRLIIRENNRVVISSDVLVNNENLYFQ
;
A
2 'polypeptide(L)'
;GAGNATEVPANSTVLSFCAFAVDAAKAYKDYLASGGQPITNCVKMLCTHTGTGQAITVTPEANMDQESFGGASCCLYCRC
HIDHPNPKGFCDLKGKYVQIPTTCANDPVGFTLKNTVCTVCGMWKGYGCSCDQLREPMLQ
;
B
#
loop_
_chem_comp.id
_chem_comp.type
_chem_comp.name
_chem_comp.formula
ATP non-polymer ADENOSINE-5'-TRIPHOSPHATE 'C10 H16 N5 O13 P3'
CL non-polymer 'CHLORIDE ION' 'Cl -1'
EDO non-polymer 1,2-ETHANEDIOL 'C2 H6 O2'
MES non-polymer '2-(N-MORPHOLINO)-ETHANESULFONIC ACID' 'C6 H13 N O4 S'
SAM non-polymer S-ADENOSYLMETHIONINE 'C15 H22 N6 O5 S'
ZN non-polymer 'ZINC ION' 'Zn 2'
#
# COMPACT_ATOMS: atom_id res chain seq x y z
N SER A 1 -16.39 -21.75 3.29
CA SER A 1 -16.24 -22.15 1.90
C SER A 1 -16.42 -20.94 1.01
N SER A 2 -17.32 -20.06 1.47
CA SER A 2 -17.56 -18.76 0.88
C SER A 2 -16.33 -17.86 1.05
N GLN A 3 -15.28 -18.43 1.68
CA GLN A 3 -14.03 -17.71 1.89
C GLN A 3 -13.41 -17.30 0.56
N ALA A 4 -13.62 -18.10 -0.49
CA ALA A 4 -12.98 -17.80 -1.77
C ALA A 4 -13.52 -16.51 -2.37
N TRP A 5 -14.68 -16.06 -1.94
CA TRP A 5 -15.28 -14.81 -2.42
C TRP A 5 -14.97 -13.62 -1.53
N GLN A 6 -14.33 -13.85 -0.39
CA GLN A 6 -13.82 -12.76 0.44
C GLN A 6 -12.48 -12.28 -0.13
N PRO A 7 -11.99 -11.11 0.31
CA PRO A 7 -10.65 -10.68 -0.12
C PRO A 7 -9.54 -11.51 0.48
N GLY A 8 -9.83 -12.25 1.54
CA GLY A 8 -8.79 -12.93 2.29
C GLY A 8 -9.40 -13.54 3.52
N VAL A 9 -8.53 -14.05 4.40
CA VAL A 9 -9.02 -14.74 5.59
C VAL A 9 -8.27 -14.16 6.78
N ALA A 10 -9.01 -13.72 7.80
CA ALA A 10 -8.41 -13.20 9.04
C ALA A 10 -8.29 -14.33 10.07
N MET A 11 -7.26 -14.26 10.88
CA MET A 11 -7.04 -15.32 11.85
C MET A 11 -8.17 -15.38 12.87
N PRO A 12 -8.86 -16.52 12.99
CA PRO A 12 -10.03 -16.59 13.89
C PRO A 12 -9.66 -16.42 15.36
N ASN A 13 -10.56 -15.78 16.12
CA ASN A 13 -10.26 -15.44 17.50
C ASN A 13 -9.82 -16.64 18.32
N LEU A 14 -10.41 -17.82 18.08
CA LEU A 14 -10.07 -18.95 18.95
C LEU A 14 -8.60 -19.32 18.80
N TYR A 15 -8.04 -19.14 17.61
CA TYR A 15 -6.62 -19.43 17.44
C TYR A 15 -5.75 -18.41 18.19
N LYS A 16 -6.19 -17.16 18.27
CA LYS A 16 -5.43 -16.18 19.05
C LYS A 16 -5.33 -16.59 20.51
N MET A 17 -6.29 -17.38 21.00
CA MET A 17 -6.36 -17.70 22.43
C MET A 17 -5.59 -18.95 22.81
N GLN A 18 -4.91 -19.61 21.86
CA GLN A 18 -4.20 -20.83 22.20
C GLN A 18 -2.85 -20.51 22.84
N ARG A 19 -2.14 -21.56 23.25
N ARG A 19 -2.13 -21.56 23.25
CA ARG A 19 -0.77 -21.46 23.73
CA ARG A 19 -0.76 -21.44 23.72
C ARG A 19 0.10 -22.46 22.98
C ARG A 19 0.10 -22.45 22.98
N MET A 20 0.20 -22.28 21.67
CA MET A 20 0.94 -23.24 20.86
C MET A 20 2.44 -23.00 20.93
N LEU A 21 3.17 -24.05 20.58
CA LEU A 21 4.62 -24.01 20.44
C LEU A 21 4.93 -23.74 18.98
N LEU A 22 6.03 -23.04 18.73
CA LEU A 22 6.39 -22.69 17.37
C LEU A 22 6.76 -23.93 16.59
N GLU A 23 6.15 -24.12 15.42
CA GLU A 23 6.55 -25.18 14.51
C GLU A 23 6.94 -24.59 13.18
N LYS A 24 7.57 -25.42 12.35
CA LYS A 24 7.81 -25.06 10.96
C LYS A 24 6.48 -24.88 10.22
N CYS A 25 6.45 -23.95 9.28
CA CYS A 25 5.25 -23.67 8.52
C CYS A 25 5.28 -24.52 7.25
N ASP A 26 4.28 -25.38 7.08
N ASP A 26 4.26 -25.35 7.07
CA ASP A 26 4.15 -26.23 5.90
CA ASP A 26 4.15 -26.23 5.90
C ASP A 26 2.75 -26.01 5.31
C ASP A 26 2.76 -26.03 5.30
N LEU A 27 2.68 -25.22 4.24
CA LEU A 27 1.39 -24.89 3.64
C LEU A 27 1.03 -25.90 2.56
N GLN A 28 -0.19 -26.44 2.65
CA GLN A 28 -0.61 -27.44 1.67
C GLN A 28 -0.70 -26.85 0.27
N ASN A 29 -1.17 -25.60 0.17
N ASN A 29 -1.16 -25.60 0.18
CA ASN A 29 -1.35 -24.94 -1.12
CA ASN A 29 -1.34 -24.93 -1.11
C ASN A 29 -0.08 -24.25 -1.61
C ASN A 29 -0.11 -24.16 -1.55
N TYR A 30 1.06 -24.49 -0.99
CA TYR A 30 2.31 -23.88 -1.43
C TYR A 30 2.48 -24.10 -2.92
N GLY A 31 3.02 -23.10 -3.62
CA GLY A 31 3.24 -23.28 -5.04
C GLY A 31 2.02 -23.13 -5.92
N ASP A 32 0.82 -23.46 -5.41
CA ASP A 32 -0.41 -23.01 -6.04
C ASP A 32 -0.34 -21.51 -6.31
N SER A 33 -1.05 -21.07 -7.35
CA SER A 33 -1.13 -19.65 -7.68
C SER A 33 -2.54 -19.31 -8.12
N ALA A 34 -3.04 -18.17 -7.65
CA ALA A 34 -4.30 -17.66 -8.14
C ALA A 34 -4.12 -17.13 -9.56
N THR A 35 -5.20 -17.14 -10.33
N THR A 35 -5.22 -17.14 -10.32
CA THR A 35 -5.19 -16.61 -11.69
CA THR A 35 -5.24 -16.59 -11.67
C THR A 35 -5.53 -15.12 -11.58
C THR A 35 -5.54 -15.11 -11.56
N LEU A 36 -4.53 -14.27 -11.73
CA LEU A 36 -4.74 -12.85 -11.65
C LEU A 36 -5.47 -12.37 -12.91
N PRO A 37 -6.31 -11.33 -12.81
CA PRO A 37 -6.84 -10.70 -14.03
C PRO A 37 -5.72 -10.33 -15.00
N LYS A 38 -6.05 -10.34 -16.29
CA LYS A 38 -5.07 -10.08 -17.33
C LYS A 38 -4.26 -8.82 -17.04
N GLY A 39 -2.94 -8.97 -16.97
CA GLY A 39 -2.04 -7.83 -16.86
C GLY A 39 -1.97 -7.18 -15.51
N ILE A 40 -2.54 -7.80 -14.45
CA ILE A 40 -2.53 -7.24 -13.10
C ILE A 40 -1.37 -7.86 -12.33
N MET A 41 -0.56 -7.01 -11.67
CA MET A 41 0.57 -7.47 -10.85
C MET A 41 0.10 -8.08 -9.53
N MET A 42 0.88 -9.04 -9.02
CA MET A 42 0.63 -9.60 -7.69
C MET A 42 0.43 -8.52 -6.65
N ASN A 43 1.30 -7.50 -6.66
CA ASN A 43 1.24 -6.52 -5.59
C ASN A 43 0.03 -5.61 -5.72
N VAL A 44 -0.41 -5.33 -6.93
CA VAL A 44 -1.68 -4.60 -7.05
C VAL A 44 -2.81 -5.44 -6.48
N ALA A 45 -2.84 -6.72 -6.83
CA ALA A 45 -3.89 -7.63 -6.36
C ALA A 45 -3.85 -7.72 -4.85
N LYS A 46 -2.65 -7.89 -4.30
CA LYS A 46 -2.47 -8.10 -2.86
C LYS A 46 -2.92 -6.88 -2.09
N TYR A 47 -2.45 -5.70 -2.51
CA TYR A 47 -2.87 -4.48 -1.81
C TYR A 47 -4.36 -4.23 -1.96
N THR A 48 -4.93 -4.49 -3.14
CA THR A 48 -6.38 -4.33 -3.30
C THR A 48 -7.14 -5.18 -2.27
N GLN A 49 -6.74 -6.43 -2.10
CA GLN A 49 -7.42 -7.28 -1.13
C GLN A 49 -7.18 -6.83 0.30
N LEU A 50 -5.96 -6.33 0.60
CA LEU A 50 -5.72 -5.77 1.93
C LEU A 50 -6.68 -4.63 2.22
N CYS A 51 -6.80 -3.71 1.26
CA CYS A 51 -7.68 -2.57 1.42
C CYS A 51 -9.14 -3.00 1.50
N GLN A 52 -9.56 -3.93 0.64
CA GLN A 52 -10.92 -4.47 0.74
C GLN A 52 -11.21 -5.01 2.15
N TYR A 53 -10.23 -5.70 2.76
CA TYR A 53 -10.46 -6.17 4.13
C TYR A 53 -10.48 -4.99 5.12
N LEU A 54 -9.59 -4.03 4.93
CA LEU A 54 -9.59 -2.89 5.84
C LEU A 54 -10.91 -2.14 5.77
N ASN A 55 -11.59 -2.20 4.61
CA ASN A 55 -12.92 -1.59 4.47
C ASN A 55 -13.94 -2.19 5.43
N THR A 56 -13.69 -3.38 5.98
CA THR A 56 -14.64 -4.03 6.88
C THR A 56 -14.40 -3.69 8.34
N LEU A 57 -13.36 -2.91 8.64
CA LEU A 57 -12.99 -2.56 10.01
C LEU A 57 -13.42 -1.13 10.31
N THR A 58 -13.26 -0.74 11.57
CA THR A 58 -13.67 0.58 12.05
C THR A 58 -12.53 1.59 11.97
N LEU A 59 -11.96 1.74 10.78
CA LEU A 59 -10.89 2.70 10.60
C LEU A 59 -11.41 4.12 10.78
N ALA A 60 -10.63 4.93 11.49
CA ALA A 60 -10.85 6.36 11.58
C ALA A 60 -10.38 7.01 10.28
N VAL A 61 -11.22 7.86 9.68
CA VAL A 61 -10.92 8.44 8.37
C VAL A 61 -11.18 9.94 8.44
N PRO A 62 -10.26 10.70 9.01
CA PRO A 62 -10.48 12.14 9.18
C PRO A 62 -10.28 12.90 7.87
N TYR A 63 -10.71 14.16 7.90
CA TYR A 63 -10.28 15.09 6.87
C TYR A 63 -8.77 15.28 6.99
N ASN A 64 -8.11 15.45 5.87
CA ASN A 64 -6.67 15.66 5.89
C ASN A 64 -5.97 14.47 6.55
N MET A 65 -6.39 13.28 6.16
CA MET A 65 -5.82 12.07 6.72
C MET A 65 -4.35 11.96 6.34
N ARG A 66 -3.56 11.32 7.20
CA ARG A 66 -2.12 11.15 7.00
C ARG A 66 -1.78 9.67 7.03
N VAL A 67 -1.20 9.18 5.93
CA VAL A 67 -0.86 7.76 5.78
C VAL A 67 0.61 7.66 5.38
N ILE A 68 1.35 6.76 6.02
CA ILE A 68 2.75 6.55 5.64
C ILE A 68 2.94 5.07 5.28
N HIS A 69 3.72 4.82 4.23
CA HIS A 69 3.83 3.49 3.63
C HIS A 69 5.30 3.10 3.52
N PHE A 70 5.73 2.13 4.33
CA PHE A 70 7.11 1.67 4.36
C PHE A 70 7.28 0.43 3.50
N GLY A 71 8.47 0.28 2.92
CA GLY A 71 8.73 -0.82 2.01
C GLY A 71 7.96 -0.72 0.71
N ALA A 72 7.80 0.51 0.18
CA ALA A 72 6.92 0.76 -0.96
C ALA A 72 7.58 0.56 -2.31
N GLY A 73 8.89 0.38 -2.38
CA GLY A 73 9.52 0.16 -3.66
C GLY A 73 9.44 -1.30 -4.10
N SER A 74 9.81 -1.54 -5.36
CA SER A 74 9.83 -2.87 -5.93
C SER A 74 11.12 -3.03 -6.71
N ASP A 75 11.51 -4.29 -6.96
CA ASP A 75 12.65 -4.51 -7.84
C ASP A 75 12.34 -3.98 -9.24
N LYS A 76 11.13 -3.48 -9.43
CA LYS A 76 10.71 -2.91 -10.70
C LYS A 76 11.00 -1.42 -10.78
N GLY A 77 11.34 -0.77 -9.67
CA GLY A 77 11.50 0.66 -9.64
C GLY A 77 10.21 1.47 -9.59
N VAL A 78 9.06 0.83 -9.36
CA VAL A 78 7.80 1.54 -9.25
C VAL A 78 7.13 1.13 -7.94
N ALA A 79 5.95 1.66 -7.65
CA ALA A 79 5.31 1.46 -6.35
C ALA A 79 3.85 1.06 -6.56
N PRO A 80 3.60 -0.21 -6.87
CA PRO A 80 2.21 -0.67 -7.06
C PRO A 80 1.37 -0.55 -5.81
N GLY A 81 1.92 -0.90 -4.65
CA GLY A 81 1.17 -0.79 -3.41
C GLY A 81 0.74 0.65 -3.14
N THR A 82 1.65 1.59 -3.34
CA THR A 82 1.29 2.99 -3.14
C THR A 82 0.16 3.40 -4.07
N ALA A 83 0.19 2.95 -5.32
CA ALA A 83 -0.86 3.33 -6.26
C ALA A 83 -2.22 2.81 -5.81
N VAL A 84 -2.26 1.60 -5.24
CA VAL A 84 -3.52 1.06 -4.71
C VAL A 84 -3.97 1.87 -3.48
N LEU A 85 -3.04 2.16 -2.58
CA LEU A 85 -3.38 2.95 -1.41
C LEU A 85 -3.96 4.29 -1.79
N ARG A 86 -3.32 4.96 -2.75
CA ARG A 86 -3.82 6.27 -3.17
C ARG A 86 -5.20 6.17 -3.82
N GLN A 87 -5.42 5.12 -4.62
CA GLN A 87 -6.75 4.85 -5.16
C GLN A 87 -7.77 4.65 -4.06
N TRP A 88 -7.41 3.87 -3.05
CA TRP A 88 -8.32 3.53 -1.95
C TRP A 88 -8.64 4.71 -1.07
N LEU A 89 -7.62 5.50 -0.72
CA LEU A 89 -7.77 6.58 0.23
C LEU A 89 -8.55 7.75 -0.40
N PRO A 90 -9.29 8.52 0.42
CA PRO A 90 -9.98 9.69 -0.13
C PRO A 90 -9.02 10.62 -0.85
N THR A 91 -9.52 11.24 -1.91
CA THR A 91 -8.69 12.20 -2.63
C THR A 91 -8.26 13.30 -1.67
N GLY A 92 -6.98 13.68 -1.78
CA GLY A 92 -6.41 14.66 -0.88
C GLY A 92 -5.70 14.07 0.31
N THR A 93 -5.87 12.78 0.59
CA THR A 93 -5.16 12.16 1.69
C THR A 93 -3.66 12.35 1.51
N LEU A 94 -2.99 12.80 2.57
CA LEU A 94 -1.54 12.94 2.54
C LEU A 94 -0.90 11.55 2.59
N LEU A 95 -0.13 11.19 1.56
CA LEU A 95 0.48 9.87 1.49
C LEU A 95 1.98 10.03 1.31
N VAL A 96 2.76 9.52 2.28
CA VAL A 96 4.22 9.49 2.20
C VAL A 96 4.64 8.03 2.06
N ASP A 97 5.63 7.75 1.21
CA ASP A 97 6.11 6.36 1.19
C ASP A 97 7.63 6.33 1.21
N SER A 98 8.20 5.13 1.42
CA SER A 98 9.63 5.01 1.65
C SER A 98 10.13 3.62 1.29
N ASP A 99 11.41 3.53 0.97
CA ASP A 99 12.05 2.23 0.73
C ASP A 99 13.56 2.43 0.72
N LEU A 100 14.26 1.33 0.95
CA LEU A 100 15.72 1.32 0.88
C LEU A 100 16.21 1.73 -0.51
N ASN A 101 15.56 1.25 -1.55
CA ASN A 101 16.03 1.45 -2.92
C ASN A 101 15.19 2.46 -3.68
N ASP A 102 15.80 3.10 -4.68
N ASP A 102 15.80 3.09 -4.68
CA ASP A 102 15.12 4.16 -5.43
CA ASP A 102 15.13 4.14 -5.45
C ASP A 102 13.95 3.60 -6.22
C ASP A 102 13.92 3.57 -6.19
N PHE A 103 12.88 4.38 -6.30
CA PHE A 103 11.68 3.97 -7.03
C PHE A 103 10.91 5.24 -7.33
N VAL A 104 10.03 5.19 -8.34
CA VAL A 104 9.19 6.34 -8.66
C VAL A 104 7.77 6.02 -8.17
N SER A 105 7.15 7.00 -7.53
CA SER A 105 5.94 6.78 -6.77
C SER A 105 4.90 7.85 -7.06
N ASP A 106 3.64 7.48 -6.86
CA ASP A 106 2.52 8.42 -6.85
C ASP A 106 2.28 9.05 -5.50
N ALA A 107 3.06 8.68 -4.48
CA ALA A 107 2.88 9.30 -3.17
C ALA A 107 3.19 10.81 -3.24
N ASP A 108 2.70 11.55 -2.25
CA ASP A 108 2.98 12.99 -2.22
C ASP A 108 4.42 13.27 -1.87
N SER A 109 5.05 12.40 -1.09
CA SER A 109 6.47 12.53 -0.80
C SER A 109 7.04 11.13 -0.64
N THR A 110 8.29 10.95 -1.09
CA THR A 110 8.97 9.66 -1.07
C THR A 110 10.34 9.85 -0.47
N LEU A 111 10.73 9.00 0.48
CA LEU A 111 12.04 9.08 1.12
C LEU A 111 12.75 7.77 0.83
N ILE A 112 13.98 7.87 0.30
CA ILE A 112 14.80 6.71 -0.05
C ILE A 112 15.86 6.51 1.02
N GLY A 113 15.94 5.29 1.54
CA GLY A 113 16.97 4.95 2.51
C GLY A 113 16.43 3.97 3.53
N ASP A 114 17.28 3.48 4.43
CA ASP A 114 16.80 2.60 5.49
C ASP A 114 15.71 3.32 6.28
N CYS A 115 14.68 2.57 6.71
CA CYS A 115 13.57 3.21 7.40
C CYS A 115 14.02 3.91 8.67
N ALA A 116 15.08 3.39 9.31
CA ALA A 116 15.58 4.02 10.53
C ALA A 116 16.04 5.45 10.29
N THR A 117 16.34 5.83 9.04
CA THR A 117 16.72 7.21 8.74
C THR A 117 15.53 8.15 8.58
N VAL A 118 14.30 7.63 8.62
CA VAL A 118 13.09 8.43 8.39
C VAL A 118 12.62 9.03 9.71
N HIS A 119 12.44 10.36 9.73
CA HIS A 119 11.89 11.05 10.88
C HIS A 119 10.74 11.94 10.45
N THR A 120 9.77 12.11 11.35
CA THR A 120 8.63 12.95 11.05
C THR A 120 8.26 13.71 12.30
N ALA A 121 7.89 14.97 12.09
CA ALA A 121 7.44 15.80 13.18
C ALA A 121 6.07 15.33 13.68
N ASN A 122 5.20 14.94 12.75
N ASN A 122 5.24 14.88 12.77
CA ASN A 122 3.79 14.75 13.00
CA ASN A 122 3.81 14.72 13.03
C ASN A 122 3.45 13.28 13.25
C ASN A 122 3.46 13.26 13.31
N LYS A 123 2.21 13.07 13.70
CA LYS A 123 1.66 11.75 13.94
C LYS A 123 0.80 11.34 12.74
N TRP A 124 0.54 10.04 12.63
CA TRP A 124 -0.08 9.48 11.42
C TRP A 124 -1.36 8.77 11.81
N ASP A 125 -2.30 8.73 10.87
CA ASP A 125 -3.58 8.06 11.07
C ASP A 125 -3.56 6.59 10.64
N LEU A 126 -2.66 6.22 9.75
CA LEU A 126 -2.54 4.85 9.24
C LEU A 126 -1.10 4.61 8.85
N ILE A 127 -0.56 3.46 9.23
CA ILE A 127 0.80 3.07 8.88
C ILE A 127 0.70 1.74 8.16
N ILE A 128 1.27 1.66 6.94
CA ILE A 128 1.30 0.43 6.14
C ILE A 128 2.76 0.04 5.93
N SER A 129 3.12 -1.22 6.19
CA SER A 129 4.48 -1.64 5.94
C SER A 129 4.50 -2.93 5.13
N ASP A 130 5.22 -2.91 4.02
CA ASP A 130 5.48 -4.12 3.26
C ASP A 130 6.95 -4.52 3.37
N MET A 131 7.69 -3.92 4.30
CA MET A 131 9.12 -4.20 4.46
C MET A 131 9.33 -5.70 4.64
N TYR A 132 10.35 -6.21 3.95
CA TYR A 132 10.65 -7.64 4.01
C TYR A 132 12.05 -7.87 3.49
N ASP A 133 12.76 -8.82 4.09
CA ASP A 133 14.07 -9.28 3.60
C ASP A 133 14.04 -10.76 3.25
N PRO A 134 14.13 -11.11 1.95
CA PRO A 134 13.97 -12.53 1.57
C PRO A 134 15.04 -13.43 2.15
N LYS A 135 16.12 -12.85 2.68
CA LYS A 135 17.15 -13.63 3.35
C LYS A 135 16.62 -14.32 4.60
N THR A 136 15.46 -13.90 5.13
CA THR A 136 14.92 -14.59 6.29
C THR A 136 14.33 -15.96 5.95
N LYS A 137 14.10 -16.26 4.67
CA LYS A 137 13.53 -17.57 4.30
C LYS A 137 14.43 -18.75 4.63
N ASN A 138 15.63 -18.54 5.16
CA ASN A 138 16.54 -19.62 5.55
C ASN A 138 15.90 -20.63 6.50
N VAL A 139 15.52 -21.80 5.99
CA VAL A 139 14.92 -22.86 6.81
C VAL A 139 15.93 -23.67 7.62
N THR A 140 17.24 -23.48 7.37
CA THR A 140 18.27 -24.21 8.09
C THR A 140 18.61 -23.61 9.44
N LYS A 141 18.03 -22.46 9.79
CA LYS A 141 18.39 -21.75 11.01
C LYS A 141 17.14 -21.56 11.87
N GLU A 142 17.34 -21.53 13.18
CA GLU A 142 16.24 -21.37 14.12
C GLU A 142 15.42 -20.13 13.78
N ASN A 143 14.12 -20.17 14.09
CA ASN A 143 13.20 -19.08 13.75
C ASN A 143 12.94 -18.22 14.99
N ASP A 144 13.81 -17.24 15.21
CA ASP A 144 13.68 -16.37 16.36
C ASP A 144 13.06 -15.02 15.96
N SER A 145 12.56 -14.30 16.95
CA SER A 145 12.01 -12.97 16.74
C SER A 145 13.07 -12.09 16.08
N LYS A 146 12.68 -11.35 15.04
CA LYS A 146 13.63 -10.55 14.28
C LYS A 146 13.59 -9.09 14.75
N GLU A 147 14.73 -8.42 14.60
N GLU A 147 14.73 -8.41 14.60
CA GLU A 147 14.84 -7.02 14.98
CA GLU A 147 14.82 -7.02 15.00
C GLU A 147 14.82 -6.16 13.73
C GLU A 147 14.82 -6.15 13.74
N GLY A 148 15.95 -5.51 13.43
CA GLY A 148 16.05 -4.75 12.19
C GLY A 148 14.91 -3.77 12.07
N PHE A 149 14.25 -3.74 10.91
CA PHE A 149 13.20 -2.74 10.72
C PHE A 149 12.00 -2.94 11.64
N PHE A 150 11.83 -4.13 12.22
CA PHE A 150 10.74 -4.31 13.17
C PHE A 150 10.95 -3.46 14.42
N THR A 151 12.19 -3.28 14.86
CA THR A 151 12.43 -2.41 16.00
C THR A 151 12.00 -0.98 15.67
N TYR A 152 12.37 -0.51 14.48
CA TYR A 152 11.93 0.81 14.03
C TYR A 152 10.41 0.92 14.05
N ILE A 153 9.72 -0.06 13.42
CA ILE A 153 8.27 -0.01 13.30
C ILE A 153 7.61 0.05 14.68
N CYS A 154 8.11 -0.72 15.64
CA CYS A 154 7.49 -0.68 16.98
C CYS A 154 7.62 0.70 17.61
N GLY A 155 8.83 1.27 17.56
CA GLY A 155 9.00 2.63 18.10
C GLY A 155 8.20 3.66 17.32
N PHE A 156 8.15 3.51 15.99
CA PHE A 156 7.39 4.47 15.19
C PHE A 156 5.92 4.44 15.57
N ILE A 157 5.39 3.24 15.86
CA ILE A 157 3.99 3.14 16.26
C ILE A 157 3.79 3.82 17.61
N GLN A 158 4.65 3.51 18.58
CA GLN A 158 4.45 4.04 19.92
C GLN A 158 4.65 5.54 19.98
N GLN A 159 5.47 6.09 19.08
CA GLN A 159 5.81 7.51 19.10
C GLN A 159 5.00 8.35 18.13
N LYS A 160 4.62 7.80 16.97
CA LYS A 160 4.07 8.63 15.91
C LYS A 160 2.71 8.17 15.38
N LEU A 161 2.07 7.18 16.00
CA LEU A 161 0.73 6.79 15.58
C LEU A 161 -0.30 7.55 16.41
N ALA A 162 -1.23 8.22 15.75
CA ALA A 162 -2.29 8.92 16.47
C ALA A 162 -3.14 7.93 17.25
N LEU A 163 -3.61 8.34 18.42
CA LEU A 163 -4.63 7.53 19.05
C LEU A 163 -5.81 7.41 18.10
N GLY A 164 -6.38 6.21 17.99
CA GLY A 164 -7.42 5.95 17.03
C GLY A 164 -6.92 5.46 15.67
N GLY A 165 -5.62 5.62 15.41
CA GLY A 165 -5.04 5.20 14.14
C GLY A 165 -4.97 3.69 14.05
N SER A 166 -4.56 3.22 12.88
CA SER A 166 -4.48 1.78 12.61
C SER A 166 -3.19 1.48 11.86
N VAL A 167 -2.81 0.19 11.88
CA VAL A 167 -1.61 -0.24 11.15
C VAL A 167 -1.89 -1.56 10.44
N ALA A 168 -1.12 -1.82 9.38
CA ALA A 168 -1.07 -3.13 8.73
C ALA A 168 0.38 -3.40 8.36
N ILE A 169 1.03 -4.34 9.06
CA ILE A 169 2.47 -4.61 8.96
C ILE A 169 2.69 -6.01 8.42
N LYS A 170 3.40 -6.11 7.30
CA LYS A 170 3.60 -7.42 6.69
C LYS A 170 4.56 -8.26 7.52
N ILE A 171 4.17 -9.52 7.75
CA ILE A 171 5.00 -10.52 8.41
C ILE A 171 4.98 -11.78 7.54
N THR A 172 5.86 -12.74 7.86
CA THR A 172 5.86 -14.07 7.26
C THR A 172 6.21 -15.07 8.35
N GLU A 173 6.42 -16.32 7.96
CA GLU A 173 6.85 -17.30 8.96
C GLU A 173 8.12 -16.85 9.67
N HIS A 174 9.13 -16.42 8.90
CA HIS A 174 10.41 -16.02 9.48
C HIS A 174 10.54 -14.52 9.69
N SER A 175 9.77 -13.69 8.97
CA SER A 175 9.85 -12.24 9.14
C SER A 175 8.78 -11.80 10.14
N TRP A 176 9.14 -11.75 11.42
CA TRP A 176 8.20 -11.39 12.47
C TRP A 176 8.98 -10.88 13.68
N ASN A 177 8.23 -10.31 14.62
CA ASN A 177 8.85 -9.69 15.79
C ASN A 177 7.88 -9.81 16.96
N ALA A 178 8.37 -10.28 18.11
CA ALA A 178 7.49 -10.54 19.25
C ALA A 178 6.90 -9.26 19.82
N ASP A 179 7.67 -8.18 19.86
CA ASP A 179 7.16 -6.92 20.42
C ASP A 179 6.03 -6.34 19.57
N LEU A 180 6.09 -6.55 18.26
CA LEU A 180 5.02 -6.07 17.40
C LEU A 180 3.71 -6.78 17.70
N TYR A 181 3.76 -8.11 17.90
CA TYR A 181 2.56 -8.81 18.37
C TYR A 181 2.10 -8.26 19.72
N LYS A 182 3.04 -8.10 20.66
CA LYS A 182 2.66 -7.53 21.94
C LYS A 182 1.96 -6.18 21.75
N LEU A 183 2.43 -5.39 20.79
CA LEU A 183 1.85 -4.05 20.57
C LEU A 183 0.44 -4.13 19.98
N MET A 184 0.13 -5.21 19.26
CA MET A 184 -1.23 -5.45 18.83
C MET A 184 -2.22 -5.35 19.99
N GLY A 185 -1.81 -5.71 21.20
CA GLY A 185 -2.73 -5.58 22.30
C GLY A 185 -2.97 -4.18 22.80
N HIS A 186 -2.34 -3.18 22.17
CA HIS A 186 -2.53 -1.77 22.47
C HIS A 186 -3.52 -1.12 21.53
N PHE A 187 -4.23 -1.92 20.73
CA PHE A 187 -5.29 -1.46 19.85
C PHE A 187 -6.61 -2.02 20.37
N ALA A 188 -7.72 -1.39 19.95
CA ALA A 188 -9.04 -1.90 20.32
C ALA A 188 -9.26 -3.31 19.79
N TRP A 189 -8.61 -3.66 18.67
CA TRP A 189 -8.78 -4.96 18.02
C TRP A 189 -7.59 -5.20 17.11
N TRP A 190 -7.33 -6.48 16.82
CA TRP A 190 -6.19 -6.83 15.98
C TRP A 190 -6.46 -8.16 15.31
N THR A 191 -5.76 -8.42 14.21
CA THR A 191 -5.82 -9.73 13.58
C THR A 191 -4.56 -9.92 12.73
N ALA A 192 -4.40 -11.13 12.22
CA ALA A 192 -3.44 -11.43 11.16
C ALA A 192 -4.25 -11.81 9.92
N PHE A 193 -4.11 -11.01 8.86
CA PHE A 193 -4.94 -11.11 7.65
C PHE A 193 -4.13 -11.67 6.50
N VAL A 194 -4.66 -12.69 5.85
CA VAL A 194 -4.01 -13.34 4.71
C VAL A 194 -4.81 -13.06 3.45
N THR A 195 -4.15 -12.49 2.42
CA THR A 195 -4.85 -12.22 1.17
C THR A 195 -5.14 -13.52 0.45
N ASN A 196 -6.31 -13.58 -0.18
CA ASN A 196 -6.62 -14.78 -0.94
C ASN A 196 -5.72 -14.95 -2.17
N VAL A 197 -5.21 -13.85 -2.74
CA VAL A 197 -4.35 -14.03 -3.93
C VAL A 197 -3.00 -14.60 -3.54
N ASN A 198 -2.53 -14.35 -2.31
CA ASN A 198 -1.20 -14.81 -1.91
C ASN A 198 -1.26 -15.87 -0.82
N ALA A 199 -2.37 -16.61 -0.73
CA ALA A 199 -2.62 -17.53 0.35
C ALA A 199 -1.68 -18.73 0.37
N SER A 200 -0.92 -18.95 -0.70
CA SER A 200 0.08 -20.02 -0.70
C SER A 200 1.33 -19.63 0.06
N SER A 201 1.40 -18.39 0.54
CA SER A 201 2.55 -17.87 1.26
C SER A 201 2.22 -17.76 2.74
N SER A 202 3.25 -17.90 3.59
CA SER A 202 3.05 -17.66 5.01
C SER A 202 2.95 -16.18 5.34
N GLU A 203 3.04 -15.32 4.33
CA GLU A 203 2.75 -13.91 4.53
C GLU A 203 1.42 -13.70 5.25
N ALA A 204 1.39 -12.70 6.12
CA ALA A 204 0.13 -12.10 6.56
C ALA A 204 0.40 -10.62 6.86
N PHE A 205 -0.67 -9.85 6.97
CA PHE A 205 -0.60 -8.49 7.47
C PHE A 205 -1.11 -8.46 8.89
N LEU A 206 -0.24 -8.11 9.84
CA LEU A 206 -0.67 -7.88 11.22
C LEU A 206 -1.36 -6.54 11.26
N ILE A 207 -2.67 -6.54 11.52
CA ILE A 207 -3.50 -5.33 11.52
C ILE A 207 -3.85 -4.97 12.96
N GLY A 208 -3.46 -3.77 13.39
CA GLY A 208 -3.91 -3.21 14.65
C GLY A 208 -4.93 -2.13 14.36
N CYS A 209 -6.12 -2.26 14.94
CA CYS A 209 -7.27 -1.45 14.57
C CYS A 209 -7.65 -0.51 15.72
N ASN A 210 -7.42 0.79 15.53
N ASN A 210 -7.41 0.80 15.53
CA ASN A 210 -7.78 1.82 16.52
CA ASN A 210 -7.75 1.85 16.49
C ASN A 210 -6.82 1.83 17.70
C ASN A 210 -6.83 1.84 17.70
N TYR A 211 -5.74 2.59 17.59
CA TYR A 211 -4.69 2.58 18.60
C TYR A 211 -5.14 3.26 19.89
N LEU A 212 -4.85 2.62 21.03
CA LEU A 212 -5.21 3.15 22.34
C LEU A 212 -4.02 3.65 23.14
N GLY A 213 -2.80 3.36 22.68
CA GLY A 213 -1.62 3.86 23.37
C GLY A 213 -1.33 3.25 24.72
N LYS A 214 -2.06 2.22 25.12
CA LYS A 214 -1.79 1.49 26.35
C LYS A 214 -2.27 0.06 26.16
N PRO A 215 -1.74 -0.87 26.95
CA PRO A 215 -2.19 -2.27 26.80
C PRO A 215 -3.65 -2.38 27.18
N ARG A 216 -4.46 -2.77 26.22
CA ARG A 216 -5.79 -3.28 26.51
C ARG A 216 -5.74 -4.75 26.89
N GLU A 217 -4.69 -5.44 26.46
CA GLU A 217 -4.61 -6.89 26.55
C GLU A 217 -3.14 -7.26 26.51
N GLN A 218 -2.72 -8.15 27.40
CA GLN A 218 -1.33 -8.56 27.46
C GLN A 218 -1.13 -9.74 26.51
N ILE A 219 -0.28 -9.54 25.51
CA ILE A 219 0.00 -10.55 24.49
C ILE A 219 1.46 -10.94 24.59
N ASP A 220 1.73 -12.24 24.63
CA ASP A 220 3.08 -12.78 24.51
C ASP A 220 3.31 -13.04 23.03
N GLY A 221 4.27 -12.32 22.44
CA GLY A 221 4.40 -12.34 21.00
C GLY A 221 5.07 -13.59 20.46
N TYR A 222 5.91 -14.25 21.27
CA TYR A 222 6.44 -15.54 20.84
C TYR A 222 5.31 -16.56 20.74
N VAL A 223 4.45 -16.60 21.75
CA VAL A 223 3.30 -17.50 21.72
C VAL A 223 2.34 -17.11 20.60
N MET A 224 2.08 -15.80 20.43
CA MET A 224 1.10 -15.46 19.40
C MET A 224 1.60 -15.80 18.00
N HIS A 225 2.90 -15.69 17.74
CA HIS A 225 3.37 -16.08 16.41
C HIS A 225 3.23 -17.59 16.23
N ALA A 226 3.52 -18.36 17.28
CA ALA A 226 3.30 -19.80 17.20
C ALA A 226 1.85 -20.11 16.91
N ASN A 227 0.94 -19.35 17.54
CA ASN A 227 -0.50 -19.48 17.31
C ASN A 227 -0.84 -19.19 15.86
N TYR A 228 -0.22 -18.16 15.27
CA TYR A 228 -0.45 -17.80 13.87
C TYR A 228 -0.02 -18.94 12.94
N ILE A 229 1.20 -19.45 13.15
CA ILE A 229 1.69 -20.56 12.32
C ILE A 229 0.81 -21.78 12.50
N PHE A 230 0.38 -22.06 13.73
CA PHE A 230 -0.54 -23.18 13.94
C PHE A 230 -1.80 -23.02 13.09
N TRP A 231 -2.41 -21.83 13.13
CA TRP A 231 -3.56 -21.55 12.28
C TRP A 231 -3.24 -21.84 10.82
N ARG A 232 -2.19 -21.21 10.30
CA ARG A 232 -1.81 -21.40 8.90
C ARG A 232 -1.57 -22.88 8.58
N ASN A 233 -0.88 -23.60 9.48
CA ASN A 233 -0.54 -25.00 9.25
C ASN A 233 -1.76 -25.89 9.12
N THR A 234 -2.86 -25.56 9.79
CA THR A 234 -4.01 -26.47 9.87
C THR A 234 -5.23 -25.96 9.14
N ASN A 235 -5.14 -24.81 8.47
CA ASN A 235 -6.28 -24.24 7.76
C ASN A 235 -5.82 -23.82 6.38
N PRO A 236 -5.73 -24.76 5.44
CA PRO A 236 -5.40 -24.41 4.06
C PRO A 236 -6.37 -23.35 3.54
N ILE A 237 -5.84 -22.33 2.88
CA ILE A 237 -6.66 -21.28 2.30
C ILE A 237 -6.63 -21.43 0.79
N GLN A 238 -7.81 -21.53 0.17
CA GLN A 238 -7.88 -21.71 -1.28
C GLN A 238 -7.49 -20.42 -1.99
N LEU A 239 -6.46 -20.49 -2.84
CA LEU A 239 -6.08 -19.32 -3.62
C LEU A 239 -7.31 -18.78 -4.34
N SER A 240 -7.47 -17.46 -4.36
CA SER A 240 -8.63 -16.88 -5.04
C SER A 240 -8.39 -15.43 -5.43
N SER A 241 -8.75 -15.09 -6.66
N SER A 241 -8.79 -15.10 -6.66
CA SER A 241 -8.60 -13.72 -7.15
CA SER A 241 -8.77 -13.76 -7.22
C SER A 241 -9.94 -12.99 -7.18
C SER A 241 -10.15 -13.13 -7.28
N TYR A 242 -11.19 -13.84 -6.83
N TYR A 242 -11.16 -13.83 -6.76
CA TYR A 242 -12.56 -13.41 -7.07
CA TYR A 242 -12.57 -13.52 -6.98
C TYR A 242 -12.77 -11.96 -6.67
C TYR A 242 -12.91 -12.07 -6.58
N SER A 243 -12.40 -11.59 -5.44
CA SER A 243 -12.76 -10.27 -4.96
C SER A 243 -12.21 -9.14 -5.84
N LEU A 244 -11.20 -9.43 -6.66
CA LEU A 244 -10.63 -8.38 -7.49
C LEU A 244 -11.60 -7.90 -8.56
N PHE A 245 -12.57 -8.71 -8.95
CA PHE A 245 -13.42 -8.32 -10.07
C PHE A 245 -14.57 -7.38 -9.68
N ASP A 246 -14.78 -7.11 -8.40
CA ASP A 246 -15.86 -6.22 -7.96
C ASP A 246 -15.26 -5.11 -7.12
N MET A 247 -15.07 -3.98 -7.78
CA MET A 247 -14.43 -2.80 -7.24
C MET A 247 -15.43 -1.72 -6.92
N SER A 248 -16.73 -2.01 -7.05
CA SER A 248 -17.73 -0.93 -6.96
C SER A 248 -17.76 -0.29 -5.58
N LYS A 249 -17.41 -1.03 -4.54
CA LYS A 249 -17.43 -0.50 -3.18
C LYS A 249 -16.02 -0.35 -2.62
N PHE A 250 -15.02 -0.27 -3.48
CA PHE A 250 -13.63 -0.24 -3.04
C PHE A 250 -13.24 1.03 -2.27
N PRO A 251 -13.66 2.22 -2.69
CA PRO A 251 -13.12 3.44 -2.08
C PRO A 251 -13.36 3.49 -0.57
N LEU A 252 -12.34 3.91 0.17
CA LEU A 252 -12.51 4.11 1.61
C LEU A 252 -13.46 5.27 1.84
N LYS A 253 -14.49 5.05 2.66
N LYS A 253 -14.49 5.06 2.67
CA LYS A 253 -15.48 6.11 2.90
CA LYS A 253 -15.48 6.11 2.91
C LYS A 253 -14.87 7.23 3.72
C LYS A 253 -14.88 7.24 3.73
N LEU A 254 -15.02 8.47 3.24
CA LEU A 254 -14.55 9.63 3.99
C LEU A 254 -15.54 9.83 5.14
N ARG A 255 -15.19 9.35 6.32
CA ARG A 255 -16.05 9.46 7.49
C ARG A 255 -15.96 10.84 8.14
N GLY A 256 -14.98 11.65 7.76
CA GLY A 256 -14.74 12.92 8.44
C GLY A 256 -14.50 12.76 9.92
N THR A 257 -13.91 11.64 10.34
CA THR A 257 -13.67 11.40 11.77
C THR A 257 -13.07 12.63 12.44
N ALA A 258 -13.58 12.95 13.63
CA ALA A 258 -13.09 14.13 14.35
C ALA A 258 -11.66 13.95 14.80
N VAL A 259 -10.89 15.04 14.77
CA VAL A 259 -9.52 15.08 15.27
C VAL A 259 -9.47 16.10 16.40
N MET A 260 -8.98 15.67 17.56
CA MET A 260 -8.70 16.62 18.62
C MET A 260 -7.29 16.41 19.15
N SER A 261 -6.75 17.48 19.71
CA SER A 261 -5.54 17.37 20.50
C SER A 261 -5.93 17.18 21.95
N LEU A 262 -5.21 16.32 22.65
CA LEU A 262 -5.47 16.11 24.07
C LEU A 262 -4.19 15.65 24.74
N LYS A 263 -4.12 15.92 26.04
CA LYS A 263 -3.01 15.50 26.87
C LYS A 263 -3.40 14.24 27.64
N GLU A 264 -2.39 13.45 28.02
CA GLU A 264 -2.66 12.11 28.55
C GLU A 264 -3.65 12.13 29.71
N GLY A 265 -3.73 13.25 30.45
CA GLY A 265 -4.64 13.31 31.57
C GLY A 265 -6.10 13.39 31.18
N GLN A 266 -6.39 13.74 29.93
CA GLN A 266 -7.77 13.91 29.49
C GLN A 266 -8.37 12.67 28.84
N ILE A 267 -7.57 11.62 28.63
CA ILE A 267 -8.05 10.41 27.97
C ILE A 267 -8.77 9.57 29.02
N ASN A 268 -10.09 9.70 29.07
CA ASN A 268 -10.95 8.99 29.99
C ASN A 268 -11.66 7.84 29.26
N ASP A 269 -12.47 7.10 30.02
CA ASP A 269 -13.17 5.95 29.44
C ASP A 269 -14.06 6.38 28.28
N MET A 270 -14.62 7.59 28.35
CA MET A 270 -15.47 8.05 27.27
C MET A 270 -14.66 8.30 26.00
N ILE A 271 -13.51 8.96 26.13
CA ILE A 271 -12.61 9.14 24.99
C ILE A 271 -12.14 7.79 24.47
N LEU A 272 -11.65 6.95 25.37
CA LEU A 272 -11.19 5.62 24.99
C LEU A 272 -12.27 4.84 24.28
N SER A 273 -13.52 5.02 24.71
CA SER A 273 -14.65 4.38 24.03
C SER A 273 -14.77 4.86 22.59
N LEU A 274 -14.69 6.18 22.39
CA LEU A 274 -14.78 6.74 21.04
C LEU A 274 -13.61 6.26 20.19
N LEU A 275 -12.42 6.20 20.77
CA LEU A 275 -11.25 5.75 20.02
C LEU A 275 -11.47 4.33 19.51
N SER A 276 -11.96 3.46 20.39
CA SER A 276 -12.14 2.05 20.11
C SER A 276 -13.18 1.80 19.03
N LYS A 277 -14.08 2.75 18.80
CA LYS A 277 -15.15 2.62 17.82
C LYS A 277 -14.82 3.27 16.49
N GLY A 278 -13.59 3.78 16.33
CA GLY A 278 -13.24 4.42 15.07
C GLY A 278 -13.86 5.78 14.89
N ARG A 279 -14.23 6.44 15.98
N ARG A 279 -14.24 6.45 15.97
CA ARG A 279 -14.97 7.69 15.95
CA ARG A 279 -14.95 7.73 15.85
C ARG A 279 -14.10 8.91 16.25
C ARG A 279 -14.12 8.89 16.38
N LEU A 280 -12.81 8.70 16.55
CA LEU A 280 -11.99 9.80 17.06
C LEU A 280 -10.51 9.56 16.78
N ILE A 281 -9.81 10.63 16.41
CA ILE A 281 -8.36 10.62 16.22
C ILE A 281 -7.78 11.67 17.16
N ILE A 282 -6.72 11.33 17.89
CA ILE A 282 -6.10 12.28 18.81
C ILE A 282 -4.67 12.51 18.36
N ARG A 283 -4.38 13.74 17.95
CA ARG A 283 -3.09 14.15 17.45
C ARG A 283 -3.19 15.64 17.14
N GLU A 284 -2.05 16.31 17.09
CA GLU A 284 -2.02 17.65 16.53
C GLU A 284 -2.39 17.60 15.05
N ASN A 285 -2.88 18.74 14.56
CA ASN A 285 -3.31 18.86 13.17
C ASN A 285 -2.45 19.88 12.41
N ASN A 286 -1.18 19.97 12.76
CA ASN A 286 -0.28 20.94 12.16
C ASN A 286 0.12 20.47 10.76
N ARG A 287 1.10 21.17 10.18
CA ARG A 287 1.62 20.81 8.87
C ARG A 287 2.48 19.56 9.00
N VAL A 288 2.52 18.79 7.92
CA VAL A 288 3.22 17.52 7.90
C VAL A 288 4.61 17.73 7.32
N VAL A 289 5.63 17.42 8.10
CA VAL A 289 7.03 17.62 7.75
C VAL A 289 7.78 16.34 8.05
N ILE A 290 8.60 15.89 7.10
CA ILE A 290 9.34 14.64 7.21
C ILE A 290 10.77 14.89 6.77
N SER A 291 11.66 13.96 7.09
CA SER A 291 13.05 14.09 6.66
C SER A 291 13.73 12.73 6.71
N SER A 292 14.82 12.63 5.96
CA SER A 292 15.65 11.43 5.88
C SER A 292 17.06 11.82 6.32
N ASP A 293 17.58 11.17 7.37
CA ASP A 293 18.95 11.39 7.78
C ASP A 293 19.91 10.98 6.66
N VAL A 294 20.91 11.82 6.40
CA VAL A 294 21.94 11.52 5.41
C VAL A 294 23.29 11.49 6.11
N LEU A 295 23.98 10.35 5.99
CA LEU A 295 25.33 10.19 6.54
C LEU A 295 26.33 10.83 5.60
N VAL A 296 27.19 11.69 6.13
CA VAL A 296 28.14 12.44 5.30
C VAL A 296 29.53 11.83 5.45
N ASN A 297 30.20 11.62 4.33
CA ASN A 297 31.49 10.94 4.27
C ASN A 297 32.27 11.47 3.07
N ASN A 298 33.56 11.75 3.29
CA ASN A 298 34.48 12.12 2.21
C ASN A 298 35.51 11.00 2.07
N GLU A 299 35.46 10.27 0.95
CA GLU A 299 36.28 9.09 0.72
C GLU A 299 37.58 9.39 -0.02
N ASN A 300 37.84 10.65 -0.35
CA ASN A 300 39.10 11.06 -0.95
C ASN A 300 40.24 10.94 0.06
N LEU A 301 41.41 10.53 -0.42
CA LEU A 301 42.55 10.26 0.45
C LEU A 301 43.79 11.03 -0.03
N ALA B 19 22.34 25.50 -24.02
CA ALA B 19 21.68 25.29 -25.29
C ALA B 19 21.53 23.79 -25.60
N PHE B 20 22.26 22.95 -24.87
CA PHE B 20 22.13 21.50 -24.98
C PHE B 20 21.20 20.96 -23.91
N ALA B 21 20.18 20.22 -24.34
CA ALA B 21 19.32 19.43 -23.46
C ALA B 21 19.04 18.10 -24.14
N VAL B 22 19.00 17.03 -23.35
CA VAL B 22 18.64 15.73 -23.91
C VAL B 22 17.18 15.74 -24.34
N ASP B 23 16.90 15.11 -25.49
CA ASP B 23 15.52 14.92 -25.95
C ASP B 23 15.08 13.48 -25.66
N ALA B 24 14.65 13.25 -24.41
CA ALA B 24 14.16 11.92 -24.06
C ALA B 24 12.92 11.56 -24.87
N ALA B 25 12.00 12.50 -25.02
CA ALA B 25 10.81 12.28 -25.84
C ALA B 25 11.18 11.75 -27.22
N LYS B 26 12.06 12.46 -27.92
CA LYS B 26 12.43 12.05 -29.27
C LYS B 26 13.18 10.72 -29.25
N ALA B 27 14.03 10.48 -28.24
CA ALA B 27 14.77 9.22 -28.17
C ALA B 27 13.82 8.04 -28.03
N TYR B 28 12.81 8.17 -27.17
CA TYR B 28 11.87 7.06 -27.00
C TYR B 28 11.07 6.82 -28.28
N LYS B 29 10.61 7.90 -28.91
CA LYS B 29 9.90 7.77 -30.19
C LYS B 29 10.76 7.04 -31.22
N ASP B 30 12.04 7.41 -31.33
CA ASP B 30 12.90 6.76 -32.30
C ASP B 30 13.18 5.31 -31.91
N TYR B 31 13.38 5.07 -30.61
CA TYR B 31 13.58 3.71 -30.14
C TYR B 31 12.38 2.83 -30.46
N LEU B 32 11.17 3.39 -30.29
CA LEU B 32 9.96 2.64 -30.66
C LEU B 32 9.93 2.38 -32.16
N ALA B 33 10.13 3.43 -32.96
CA ALA B 33 10.13 3.28 -34.42
C ALA B 33 11.12 2.23 -34.87
N SER B 34 12.30 2.19 -34.27
CA SER B 34 13.31 1.19 -34.63
C SER B 34 12.92 -0.22 -34.20
N GLY B 35 11.84 -0.39 -33.46
CA GLY B 35 11.40 -1.70 -33.03
C GLY B 35 11.76 -2.10 -31.62
N GLY B 36 12.06 -1.16 -30.72
CA GLY B 36 12.36 -1.52 -29.35
C GLY B 36 11.10 -1.83 -28.56
N GLN B 37 11.27 -2.64 -27.51
CA GLN B 37 10.13 -3.01 -26.67
C GLN B 37 9.67 -1.84 -25.81
N PRO B 38 8.37 -1.55 -25.77
CA PRO B 38 7.87 -0.45 -24.93
C PRO B 38 8.30 -0.61 -23.48
N ILE B 39 8.44 0.52 -22.79
CA ILE B 39 8.69 0.50 -21.35
C ILE B 39 7.62 -0.34 -20.67
N THR B 40 8.05 -1.24 -19.78
CA THR B 40 7.18 -2.19 -19.10
C THR B 40 6.96 -1.75 -17.64
N ASN B 41 6.20 -2.59 -16.94
CA ASN B 41 5.93 -2.43 -15.51
C ASN B 41 5.19 -1.14 -15.19
N CYS B 42 4.46 -0.59 -16.15
CA CYS B 42 3.45 0.40 -15.80
C CYS B 42 2.42 -0.26 -14.91
N VAL B 43 1.98 0.46 -13.88
CA VAL B 43 1.18 -0.12 -12.80
C VAL B 43 -0.30 -0.04 -13.18
N LYS B 44 -0.87 -1.15 -13.62
CA LYS B 44 -2.29 -1.17 -14.01
C LYS B 44 -3.17 -1.43 -12.78
N MET B 45 -4.20 -0.60 -12.64
CA MET B 45 -5.16 -0.63 -11.54
C MET B 45 -6.33 -1.59 -11.80
N LEU B 46 -6.85 -2.16 -10.71
CA LEU B 46 -8.17 -2.78 -10.76
C LEU B 46 -9.21 -1.68 -10.59
N CYS B 47 -10.26 -1.71 -11.40
CA CYS B 47 -11.30 -0.68 -11.32
C CYS B 47 -12.57 -1.27 -11.92
N THR B 48 -13.66 -0.50 -11.84
CA THR B 48 -14.93 -0.99 -12.38
C THR B 48 -14.93 -0.98 -13.90
N HIS B 49 -14.15 -0.10 -14.53
CA HIS B 49 -14.26 0.13 -15.97
C HIS B 49 -15.65 0.64 -16.37
N THR B 50 -16.29 1.35 -15.46
CA THR B 50 -17.51 2.09 -15.75
C THR B 50 -17.30 3.56 -15.43
N GLY B 51 -16.06 4.02 -15.58
CA GLY B 51 -15.69 5.37 -15.23
C GLY B 51 -15.94 6.35 -16.36
N THR B 52 -15.56 7.60 -16.12
CA THR B 52 -15.86 8.66 -17.06
C THR B 52 -15.07 8.56 -18.36
N GLY B 53 -13.95 7.85 -18.35
CA GLY B 53 -13.11 7.82 -19.53
C GLY B 53 -12.25 9.05 -19.76
N GLN B 54 -12.28 10.03 -18.86
CA GLN B 54 -11.36 11.15 -19.00
C GLN B 54 -9.91 10.66 -18.93
N ALA B 55 -8.99 11.50 -19.42
CA ALA B 55 -7.62 11.04 -19.68
C ALA B 55 -6.82 10.86 -18.39
N ILE B 56 -6.82 11.87 -17.51
CA ILE B 56 -5.96 11.91 -16.33
C ILE B 56 -6.81 12.36 -15.17
N THR B 57 -6.88 11.56 -14.11
CA THR B 57 -7.89 11.78 -13.09
C THR B 57 -7.33 11.49 -11.71
N VAL B 58 -8.03 11.95 -10.68
CA VAL B 58 -7.56 11.76 -9.30
C VAL B 58 -7.73 10.34 -8.81
N THR B 59 -8.49 9.53 -9.53
CA THR B 59 -8.78 8.14 -9.18
C THR B 59 -9.09 7.43 -10.48
N PRO B 60 -8.89 6.10 -10.56
CA PRO B 60 -9.11 5.41 -11.85
C PRO B 60 -10.50 5.69 -12.42
N GLU B 61 -10.55 6.01 -13.72
CA GLU B 61 -11.78 6.34 -14.43
C GLU B 61 -11.90 5.60 -15.76
N ALA B 62 -11.18 4.49 -15.92
CA ALA B 62 -11.33 3.67 -17.11
C ALA B 62 -12.80 3.41 -17.41
N ASN B 63 -13.16 3.54 -18.67
CA ASN B 63 -14.44 3.03 -19.14
C ASN B 63 -14.20 1.64 -19.73
N MET B 64 -15.22 1.10 -20.42
CA MET B 64 -15.15 -0.24 -21.00
C MET B 64 -13.96 -0.41 -21.93
N ASP B 65 -13.52 0.66 -22.57
CA ASP B 65 -12.52 0.55 -23.62
C ASP B 65 -11.12 1.00 -23.19
N GLN B 66 -10.90 1.18 -21.89
CA GLN B 66 -9.64 1.70 -21.38
C GLN B 66 -9.13 0.84 -20.22
N GLU B 67 -7.83 0.99 -19.93
N GLU B 67 -7.84 0.98 -19.94
CA GLU B 67 -7.24 0.54 -18.68
CA GLU B 67 -7.24 0.54 -18.69
C GLU B 67 -6.76 1.75 -17.90
C GLU B 67 -6.79 1.76 -17.89
N SER B 68 -6.76 1.64 -16.57
CA SER B 68 -6.29 2.72 -15.72
C SER B 68 -4.94 2.34 -15.12
N PHE B 69 -4.00 3.29 -15.10
CA PHE B 69 -2.65 3.06 -14.59
C PHE B 69 -2.29 4.16 -13.61
N GLY B 70 -1.48 3.79 -12.62
CA GLY B 70 -0.84 4.79 -11.80
C GLY B 70 0.00 5.73 -12.65
N GLY B 71 -0.18 7.03 -12.45
CA GLY B 71 0.38 7.99 -13.40
C GLY B 71 1.90 7.99 -13.42
N ALA B 72 2.54 8.05 -12.25
CA ALA B 72 4.00 8.13 -12.24
C ALA B 72 4.62 7.06 -13.12
N SER B 73 4.09 5.83 -13.07
CA SER B 73 4.73 4.73 -13.77
C SER B 73 4.54 4.81 -15.28
N CYS B 74 3.70 5.74 -15.74
CA CYS B 74 3.44 5.94 -17.17
C CYS B 74 4.11 7.21 -17.69
N CYS B 75 4.90 7.88 -16.86
CA CYS B 75 5.55 9.12 -17.23
C CYS B 75 6.98 8.84 -17.65
N LEU B 76 7.31 9.18 -18.89
CA LEU B 76 8.67 8.96 -19.39
C LEU B 76 9.71 9.60 -18.49
N TYR B 77 9.45 10.83 -18.04
CA TYR B 77 10.43 11.55 -17.24
C TYR B 77 10.57 10.92 -15.86
N CYS B 78 9.44 10.62 -15.21
CA CYS B 78 9.49 9.87 -13.95
C CYS B 78 10.28 8.58 -14.11
N ARG B 79 9.96 7.79 -15.15
CA ARG B 79 10.54 6.45 -15.27
C ARG B 79 12.02 6.51 -15.61
N CYS B 80 12.45 7.54 -16.33
CA CYS B 80 13.83 7.61 -16.79
C CYS B 80 14.72 8.39 -15.83
N HIS B 81 14.15 8.96 -14.77
CA HIS B 81 14.91 9.74 -13.79
C HIS B 81 15.49 10.99 -14.43
N ILE B 82 14.64 11.74 -15.13
CA ILE B 82 15.11 12.93 -15.82
C ILE B 82 14.14 14.08 -15.57
N ASP B 83 14.60 15.28 -15.86
CA ASP B 83 13.84 16.47 -15.54
C ASP B 83 12.60 16.55 -16.42
N HIS B 84 11.52 17.07 -15.86
CA HIS B 84 10.31 17.21 -16.64
C HIS B 84 10.40 18.44 -17.53
N PRO B 85 9.87 18.36 -18.76
CA PRO B 85 9.92 19.52 -19.66
C PRO B 85 9.24 20.77 -19.11
N ASN B 86 8.38 20.63 -18.11
CA ASN B 86 7.85 21.80 -17.44
C ASN B 86 9.00 22.68 -16.96
N PRO B 87 8.91 24.01 -17.10
CA PRO B 87 9.93 24.87 -16.46
C PRO B 87 9.92 24.76 -14.94
N LYS B 88 8.74 24.58 -14.32
CA LYS B 88 8.69 24.29 -12.89
C LYS B 88 9.06 22.84 -12.58
N GLY B 89 9.28 22.02 -13.60
CA GLY B 89 9.58 20.61 -13.41
C GLY B 89 8.42 19.77 -12.91
N PHE B 90 7.21 20.30 -12.95
CA PHE B 90 6.03 19.64 -12.42
C PHE B 90 5.58 18.52 -13.36
N CYS B 91 5.01 17.47 -12.78
CA CYS B 91 4.60 16.29 -13.54
C CYS B 91 3.08 16.23 -13.70
N ASP B 92 2.65 16.03 -14.95
CA ASP B 92 1.23 15.93 -15.26
C ASP B 92 0.59 14.68 -14.66
N LEU B 93 1.37 13.63 -14.46
CA LEU B 93 0.85 12.28 -14.24
C LEU B 93 1.06 11.77 -12.82
N LYS B 94 2.22 12.06 -12.24
CA LYS B 94 2.52 11.60 -10.88
C LYS B 94 1.39 11.95 -9.92
N GLY B 95 0.98 10.97 -9.12
CA GLY B 95 -0.03 11.23 -8.12
C GLY B 95 -1.45 11.11 -8.62
N LYS B 96 -1.64 10.81 -9.91
CA LYS B 96 -2.97 10.66 -10.49
C LYS B 96 -3.05 9.34 -11.24
N TYR B 97 -4.13 9.16 -12.01
CA TYR B 97 -4.31 7.94 -12.79
C TYR B 97 -4.55 8.33 -14.23
N VAL B 98 -3.98 7.56 -15.14
CA VAL B 98 -4.09 7.83 -16.57
C VAL B 98 -4.88 6.68 -17.19
N GLN B 99 -5.94 7.03 -17.92
CA GLN B 99 -6.71 6.07 -18.69
C GLN B 99 -6.09 5.90 -20.06
N ILE B 100 -5.78 4.66 -20.43
CA ILE B 100 -5.17 4.32 -21.71
C ILE B 100 -6.14 3.45 -22.48
N PRO B 101 -6.44 3.77 -23.75
CA PRO B 101 -7.19 2.83 -24.59
C PRO B 101 -6.62 1.43 -24.49
N THR B 102 -7.52 0.45 -24.32
CA THR B 102 -7.06 -0.93 -24.21
C THR B 102 -6.20 -1.33 -25.40
N THR B 103 -6.54 -0.84 -26.60
CA THR B 103 -5.74 -1.18 -27.79
C THR B 103 -4.30 -0.68 -27.67
N CYS B 104 -4.07 0.38 -26.88
CA CYS B 104 -2.72 0.92 -26.72
C CYS B 104 -2.07 0.56 -25.40
N ALA B 105 -2.72 -0.26 -24.57
CA ALA B 105 -2.24 -0.51 -23.23
C ALA B 105 -0.91 -1.25 -23.20
N ASN B 106 -0.42 -1.71 -24.35
CA ASN B 106 0.91 -2.33 -24.37
C ASN B 106 2.02 -1.31 -24.21
N ASP B 107 1.74 -0.01 -24.29
CA ASP B 107 2.78 1.02 -24.24
C ASP B 107 2.20 2.31 -23.68
N PRO B 108 1.89 2.32 -22.37
CA PRO B 108 1.30 3.54 -21.79
C PRO B 108 2.23 4.74 -21.81
N VAL B 109 3.54 4.55 -21.67
CA VAL B 109 4.45 5.69 -21.73
C VAL B 109 4.43 6.30 -23.13
N GLY B 110 4.56 5.46 -24.16
CA GLY B 110 4.42 5.95 -25.52
C GLY B 110 3.10 6.67 -25.74
N PHE B 111 2.01 6.10 -25.24
CA PHE B 111 0.71 6.72 -25.47
C PHE B 111 0.64 8.10 -24.82
N THR B 112 1.05 8.21 -23.55
CA THR B 112 0.95 9.53 -22.91
C THR B 112 1.89 10.53 -23.56
N LEU B 113 3.05 10.06 -24.05
CA LEU B 113 4.01 10.96 -24.68
C LEU B 113 3.44 11.51 -25.98
N LYS B 114 2.90 10.63 -26.83
CA LYS B 114 2.46 10.97 -28.19
C LYS B 114 1.13 11.68 -28.24
N ASN B 115 0.33 11.65 -27.18
CA ASN B 115 -1.03 12.15 -27.29
C ASN B 115 -1.21 13.36 -26.38
N THR B 116 -2.33 14.05 -26.57
CA THR B 116 -2.60 15.26 -25.79
C THR B 116 -4.06 15.25 -25.37
N VAL B 117 -4.29 15.86 -24.21
CA VAL B 117 -5.60 15.85 -23.54
C VAL B 117 -6.35 17.11 -23.94
N CYS B 118 -7.58 16.96 -24.41
CA CYS B 118 -8.42 18.11 -24.68
C CYS B 118 -8.64 18.92 -23.40
N THR B 119 -8.24 20.18 -23.45
CA THR B 119 -8.36 21.04 -22.27
C THR B 119 -9.80 21.43 -21.93
N VAL B 120 -10.78 21.05 -22.74
CA VAL B 120 -12.17 21.42 -22.50
C VAL B 120 -12.95 20.30 -21.83
N CYS B 121 -12.93 19.10 -22.40
CA CYS B 121 -13.69 17.98 -21.88
C CYS B 121 -12.86 16.98 -21.09
N GLY B 122 -11.53 17.05 -21.17
CA GLY B 122 -10.66 16.16 -20.41
C GLY B 122 -10.41 14.82 -21.06
N MET B 123 -11.02 14.53 -22.20
CA MET B 123 -10.75 13.29 -22.91
C MET B 123 -9.48 13.43 -23.75
N TRP B 124 -8.90 12.29 -24.12
CA TRP B 124 -7.79 12.28 -25.05
C TRP B 124 -8.27 12.78 -26.40
N LYS B 125 -7.58 13.77 -26.95
CA LYS B 125 -7.85 14.17 -28.33
C LYS B 125 -7.74 12.97 -29.23
N GLY B 126 -8.80 12.69 -29.99
CA GLY B 126 -8.79 11.56 -30.86
C GLY B 126 -9.06 10.21 -30.20
N TYR B 127 -9.33 10.19 -28.90
CA TYR B 127 -9.68 8.96 -28.18
C TYR B 127 -10.75 9.26 -27.14
N GLY B 128 -11.80 9.94 -27.56
CA GLY B 128 -12.89 10.28 -26.66
C GLY B 128 -13.34 11.72 -26.78
N CYS B 129 -12.43 12.62 -27.14
CA CYS B 129 -12.79 14.02 -27.28
C CYS B 129 -13.66 14.21 -28.52
N SER B 130 -14.86 14.75 -28.32
CA SER B 130 -15.79 15.00 -29.42
C SER B 130 -16.08 16.49 -29.59
N CYS B 131 -15.34 17.36 -28.90
CA CYS B 131 -15.61 18.79 -28.97
C CYS B 131 -15.69 19.28 -30.41
N ASP B 132 -14.82 18.75 -31.27
CA ASP B 132 -14.68 19.22 -32.66
C ASP B 132 -15.57 18.43 -33.62
N GLN B 133 -16.83 18.23 -33.23
CA GLN B 133 -17.77 17.52 -34.10
C GLN B 133 -19.16 18.15 -34.16
N LEU B 134 -19.63 18.82 -33.10
CA LEU B 134 -20.99 19.34 -33.01
C LEU B 134 -21.53 19.85 -34.35
PG ATP C . 11.29 -6.79 -4.51
O1G ATP C . 9.93 -6.15 -4.56
O2G ATP C . 12.38 -5.99 -5.22
O3G ATP C . 11.28 -8.25 -5.02
PB ATP C . 12.30 -8.00 -1.97
O1B ATP C . 12.61 -9.27 -2.68
O2B ATP C . 13.41 -7.37 -1.12
O3B ATP C . 11.81 -6.90 -3.00
PA ATP C . 9.51 -7.71 -1.12
O1A ATP C . 8.63 -8.47 -0.22
O2A ATP C . 9.11 -7.77 -2.60
O3A ATP C . 11.01 -8.15 -1.06
O5' ATP C . 9.60 -6.17 -0.74
C5' ATP C . 10.23 -5.74 0.48
C4' ATP C . 10.62 -4.27 0.37
O4' ATP C . 11.02 -3.80 1.68
C3' ATP C . 11.78 -3.98 -0.59
O3' ATP C . 11.44 -2.97 -1.53
C2' ATP C . 12.93 -3.58 0.35
O2' ATP C . 13.83 -2.63 -0.22
C1' ATP C . 12.16 -2.97 1.53
N9 ATP C . 12.91 -2.96 2.78
C8 ATP C . 13.41 -4.05 3.45
N7 ATP C . 14.05 -3.76 4.55
C5 ATP C . 14.00 -2.37 4.60
C6 ATP C . 14.50 -1.43 5.53
N6 ATP C . 15.20 -1.76 6.62
N1 ATP C . 14.27 -0.13 5.29
C2 ATP C . 13.57 0.21 4.19
N3 ATP C . 13.05 -0.58 3.26
C4 ATP C . 13.30 -1.87 3.52
C1 EDO D . 13.86 -8.61 9.69
O1 EDO D . 14.22 -8.83 8.31
C2 EDO D . 14.10 -7.15 10.03
O2 EDO D . 15.49 -6.87 9.80
O1 MES E . -13.66 -3.59 13.26
C2 MES E . -13.27 -3.88 14.60
C3 MES E . -13.24 -5.38 14.85
N4 MES E . -14.41 -6.04 14.27
C5 MES E . -14.92 -5.61 12.96
C6 MES E . -14.96 -4.08 12.96
C7 MES E . -14.45 -7.50 14.47
C8 MES E . -15.02 -7.85 15.85
S MES E . -15.01 -9.51 16.10
O1S MES E . -16.34 -9.86 16.62
O2S MES E . -14.76 -10.24 14.82
O3S MES E . -13.99 -9.90 17.12
C1 EDO F . 11.05 17.04 11.12
O1 EDO F . 11.84 16.16 10.33
C2 EDO F . 10.80 16.30 12.43
O2 EDO F . 11.79 15.26 12.53
C1 EDO G . 11.37 -23.40 10.00
O1 EDO G . 11.26 -23.08 8.60
C2 EDO G . 12.81 -23.43 10.50
O2 EDO G . 13.35 -22.11 10.61
C1 EDO H . -8.81 -18.73 -8.90
O1 EDO H . -9.21 -17.38 -8.65
C2 EDO H . -7.28 -18.80 -8.89
O2 EDO H . -6.84 -20.16 -9.02
C1 EDO I . -6.18 -14.41 -18.65
O1 EDO I . -7.18 -13.38 -18.76
C2 EDO I . -6.29 -15.12 -17.31
O2 EDO I . -6.46 -14.16 -16.24
C1 EDO J . 5.69 -3.17 22.90
O1 EDO J . 6.95 -2.98 22.23
C2 EDO J . 5.95 -3.19 24.41
O2 EDO J . 4.78 -2.70 25.08
C1 EDO K . 23.01 6.46 8.20
O1 EDO K . 23.11 6.03 6.85
C2 EDO K . 22.08 7.66 8.35
O2 EDO K . 21.80 7.81 9.77
C1 EDO L . 1.50 17.75 14.45
O1 EDO L . 0.58 17.95 13.37
C2 EDO L . 1.11 16.42 15.08
O2 EDO L . 0.73 15.53 14.02
C1 EDO M . 12.40 4.88 16.77
O1 EDO M . 11.48 4.31 15.82
C2 EDO M . 12.60 3.94 17.96
O2 EDO M . 13.29 2.73 17.54
C1 EDO N . -13.74 -9.71 10.89
O1 EDO N . -12.58 -10.18 10.18
C2 EDO N . -14.04 -8.23 10.59
O2 EDO N . -14.13 -8.02 9.17
C1 EDO O . -6.74 -12.30 21.36
O1 EDO O . -5.71 -11.32 21.58
C2 EDO O . -6.99 -13.02 22.67
O2 EDO O . -5.77 -13.05 23.41
C1 EDO P . 15.07 3.41 15.23
O1 EDO P . 15.42 2.04 14.96
C2 EDO P . 16.16 4.38 14.75
O2 EDO P . 15.56 5.53 14.13
N SAM Q . 5.10 -2.79 -1.59
CA SAM Q . 6.06 -2.97 -2.66
C SAM Q . 5.27 -3.03 -3.98
O SAM Q . 4.17 -2.38 -4.04
OXT SAM Q . 5.69 -3.67 -4.95
CB SAM Q . 6.88 -4.27 -2.50
CG SAM Q . 8.13 -4.05 -1.59
SD SAM Q . 9.02 -5.58 -1.38
CE SAM Q . 7.83 -6.99 -1.35
C5' SAM Q . 9.94 -5.49 0.22
C4' SAM Q . 10.58 -4.12 0.41
O4' SAM Q . 10.89 -3.91 1.64
C3' SAM Q . 12.05 -4.06 -0.43
O3' SAM Q . 11.90 -3.24 -1.68
C2' SAM Q . 12.93 -3.58 0.35
O2' SAM Q . 13.75 -2.54 -0.32
C1' SAM Q . 12.13 -2.97 1.57
N9 SAM Q . 12.87 -3.03 2.66
C8 SAM Q . 13.38 -4.12 3.18
N7 SAM Q . 14.07 -3.82 4.25
C5 SAM Q . 14.00 -2.47 4.45
C6 SAM Q . 14.54 -1.55 5.42
N6 SAM Q . 15.37 -2.05 6.55
N1 SAM Q . 14.27 -0.24 5.31
C2 SAM Q . 13.52 0.21 4.31
N3 SAM Q . 13.01 -0.60 3.38
C4 SAM Q . 13.25 -1.98 3.44
C1 EDO R . -8.43 14.61 2.19
O1 EDO R . -9.08 15.42 3.16
C2 EDO R . -8.63 13.13 2.55
O2 EDO R . -8.34 12.90 3.95
C1 EDO S . 7.13 -16.62 2.14
O1 EDO S . 8.35 -16.86 2.85
C2 EDO S . 6.58 -17.93 1.54
O2 EDO S . 5.81 -18.69 2.51
C1 EDO T . 11.20 9.03 -6.41
O1 EDO T . 12.19 9.47 -5.45
C2 EDO T . 9.81 9.64 -6.16
O2 EDO T . 8.89 9.37 -7.26
C1 EDO U . -16.87 -0.57 8.66
O1 EDO U . -17.66 -1.28 7.70
C2 EDO U . -17.61 -0.60 9.99
O2 EDO U . -17.75 -1.95 10.44
C1 EDO V . -2.40 -5.01 -20.83
O1 EDO V . -1.98 -4.45 -19.59
C2 EDO V . -3.12 -6.34 -20.60
O2 EDO V . -2.17 -7.37 -20.32
C1 EDO W . 7.01 -12.54 0.68
O1 EDO W . 6.61 -11.39 -0.09
C2 EDO W . 5.83 -13.50 0.87
O2 EDO W . 5.01 -13.66 -0.31
C1 EDO X . -17.28 10.16 12.89
O1 EDO X . -17.74 8.80 12.76
C2 EDO X . -16.73 10.37 14.30
O2 EDO X . -15.93 11.57 14.39
C1 EDO Y . 12.59 -9.52 20.05
O1 EDO Y . 12.79 -9.32 18.64
C2 EDO Y . 11.91 -8.29 20.64
O2 EDO Y . 10.51 -8.38 20.34
C1 EDO Z . -10.09 -20.83 4.37
O1 EDO Z . -11.27 -20.13 4.78
C2 EDO Z . -9.90 -22.15 5.15
O2 EDO Z . -9.38 -21.90 6.46
C1 EDO AA . -8.42 -25.21 -1.66
O1 EDO AA . -7.59 -25.08 -2.81
C2 EDO AA . -7.57 -25.42 -0.40
O2 EDO AA . -8.42 -25.60 0.73
C1 EDO BA . -11.14 -22.04 10.53
O1 EDO BA . -10.94 -23.08 11.49
C2 EDO BA . -12.47 -21.32 10.76
O2 EDO BA . -12.45 -20.70 12.06
C1 EDO CA . 1.96 -8.31 -16.60
O1 EDO CA . 1.22 -9.54 -16.60
C2 EDO CA . 1.80 -7.57 -15.28
O2 EDO CA . 2.24 -8.39 -14.18
C1 EDO DA . 3.16 -9.80 -11.62
O1 EDO DA . 2.59 -10.73 -10.68
C2 EDO DA . 3.77 -8.64 -10.85
O2 EDO DA . 4.60 -9.13 -9.79
C1 EDO EA . 7.42 -20.99 21.93
O1 EDO EA . 7.29 -21.36 20.55
C2 EDO EA . 6.24 -20.13 22.38
O2 EDO EA . 5.00 -20.82 22.15
C1 EDO FA . 4.85 -2.57 -2.42
O1 EDO FA . 4.43 -3.33 -3.56
C2 EDO FA . 6.11 -3.22 -1.83
O2 EDO FA . 7.02 -3.67 -2.84
C1 EDO GA . 2.14 -26.95 20.24
O1 EDO GA . 2.26 -27.16 18.81
C2 EDO GA . 1.11 -27.94 20.82
O2 EDO GA . 0.71 -27.56 22.15
H11 EDO GA . 1.83 -25.92 20.44
H12 EDO GA . 3.11 -27.12 20.71
HO1 EDO GA . 2.95 -26.59 18.46
H21 EDO GA . 1.54 -28.94 20.84
H22 EDO GA . 0.23 -27.96 20.17
HO2 EDO GA . 1.13 -26.72 22.38
CL CL HA . -0.73 -14.75 24.11
ZN ZN IA . 6.53 12.45 -14.34
ZN ZN JA . -12.69 17.85 -26.01
C1 EDO KA . 0.01 14.73 -22.18
O1 EDO KA . 0.87 14.20 -23.21
C2 EDO KA . 0.16 13.99 -20.85
O2 EDO KA . 1.51 14.13 -20.36
C1 EDO LA . 5.08 16.40 -18.13
O1 EDO LA . 4.93 17.67 -17.47
C2 EDO LA . 4.19 15.36 -17.44
O2 EDO LA . 4.40 14.04 -17.96
CL CL MA . 13.04 2.70 -18.15
#